data_6QOK
#
_entry.id   6QOK
#
_cell.length_a   73.702
_cell.length_b   78.625
_cell.length_c   86.484
_cell.angle_alpha   90.000
_cell.angle_beta   90.000
_cell.angle_gamma   90.000
#
_symmetry.space_group_name_H-M   'P 21 21 21'
#
loop_
_entity.id
_entity.type
_entity.pdbx_description
1 polymer 'tRNA (guanine-N(1)-)-methyltransferase'
2 non-polymer 'methyl 2-azanylpyridine-4-carboxylate'
3 non-polymer 'SULFATE ION'
4 water water
#
_entity_poly.entity_id   1
_entity_poly.type   'polypeptide(L)'
_entity_poly.pdbx_seq_one_letter_code
;GSMKIDVVTIFPEYLQPVRQSLPGKAIDAGLVDVAVHDLRRWTHDVHKSVDDSPYGGGPGMVMKPTVWGDALDEICTSET
LLVVPTPAGYPFTQETAWQWSTEDHLVIACGRYEGIDQRVADDAATRMRVREVSIGDYVLNGGEAAALVIIEAVLRLVPG
VLGNALSAQEDSHSEGMASLLEGPSYTRPPSWRGMDVPPVLLSGDHAKIAAWRAEQSRQRTIERRPDLLGFDSPTGEHGG
DGLS
;
_entity_poly.pdbx_strand_id   A,B
#
loop_
_chem_comp.id
_chem_comp.type
_chem_comp.name
_chem_comp.formula
J9T non-polymer 'methyl 2-azanylpyridine-4-carboxylate' 'C7 H8 N2 O2'
SO4 non-polymer 'SULFATE ION' 'O4 S -2'
#
# COMPACT_ATOMS: atom_id res chain seq x y z
N SER A 2 8.20 7.26 21.75
CA SER A 2 7.71 5.95 22.14
C SER A 2 7.97 4.90 21.04
N MET A 3 7.88 5.29 19.77
CA MET A 3 8.32 4.40 18.69
C MET A 3 9.37 5.02 17.78
N LYS A 4 10.43 4.26 17.53
CA LYS A 4 11.42 4.58 16.52
C LYS A 4 11.23 3.69 15.30
N ILE A 5 11.18 4.26 14.11
CA ILE A 5 11.14 3.49 12.88
C ILE A 5 12.34 3.84 12.03
N ASP A 6 13.16 2.84 11.69
CA ASP A 6 14.26 3.01 10.75
C ASP A 6 13.88 2.32 9.45
N VAL A 7 13.99 3.02 8.32
CA VAL A 7 13.72 2.41 7.02
C VAL A 7 15.02 2.36 6.22
N VAL A 8 15.33 1.19 5.67
CA VAL A 8 16.54 1.05 4.85
C VAL A 8 16.11 0.78 3.40
N THR A 9 16.64 1.58 2.48
CA THR A 9 16.18 1.55 1.10
C THR A 9 17.24 2.12 0.15
N ILE A 10 17.23 1.71 -1.11
CA ILE A 10 18.10 2.39 -2.07
C ILE A 10 17.43 3.63 -2.65
N PHE A 11 16.18 3.88 -2.25
CA PHE A 11 15.46 5.10 -2.67
C PHE A 11 15.01 5.92 -1.47
N PRO A 12 15.95 6.48 -0.71
CA PRO A 12 15.56 7.18 0.53
C PRO A 12 14.58 8.35 0.34
N GLU A 13 14.62 9.01 -0.82
CA GLU A 13 13.73 10.13 -1.06
C GLU A 13 12.26 9.68 -1.07
N TYR A 14 12.04 8.40 -1.32
CA TYR A 14 10.67 7.84 -1.37
C TYR A 14 9.95 7.99 -0.04
N LEU A 15 10.71 7.96 1.04
CA LEU A 15 10.16 7.96 2.39
C LEU A 15 10.03 9.35 3.01
N GLN A 16 10.49 10.38 2.30
CA GLN A 16 10.59 11.73 2.89
C GLN A 16 9.25 12.45 3.14
N PRO A 17 8.24 12.30 2.25
CA PRO A 17 6.97 12.94 2.60
C PRO A 17 6.36 12.40 3.90
N VAL A 18 6.54 11.10 4.14
CA VAL A 18 6.11 10.46 5.38
C VAL A 18 6.76 11.11 6.61
N ARG A 19 8.04 11.45 6.53
CA ARG A 19 8.71 12.10 7.65
C ARG A 19 8.15 13.51 7.84
N GLN A 20 7.93 14.21 6.75
CA GLN A 20 7.37 15.56 6.80
C GLN A 20 5.95 15.55 7.37
N SER A 21 5.23 14.47 7.12
CA SER A 21 3.83 14.35 7.52
C SER A 21 3.61 14.10 9.01
N LEU A 22 4.70 13.91 9.74
CA LEU A 22 4.61 13.77 11.18
C LEU A 22 4.35 15.13 11.80
N PRO A 23 3.31 15.24 12.63
CA PRO A 23 3.02 16.47 13.37
C PRO A 23 4.16 16.82 14.33
N GLY A 24 4.50 18.11 14.40
CA GLY A 24 5.58 18.57 15.26
C GLY A 24 5.36 18.21 16.71
N LYS A 25 4.11 18.25 17.14
CA LYS A 25 3.76 17.97 18.54
C LYS A 25 4.13 16.54 18.95
N ALA A 26 3.99 15.59 18.04
CA ALA A 26 4.33 14.20 18.35
C ALA A 26 5.85 14.02 18.40
N ILE A 27 6.56 14.74 17.53
CA ILE A 27 8.02 14.68 17.53
C ILE A 27 8.56 15.37 18.78
N ASP A 28 8.04 16.56 19.07
CA ASP A 28 8.44 17.31 20.26
C ASP A 28 8.15 16.53 21.55
N ALA A 29 7.06 15.77 21.55
CA ALA A 29 6.71 14.94 22.69
C ALA A 29 7.51 13.64 22.70
N GLY A 30 8.35 13.45 21.69
CA GLY A 30 9.18 12.27 21.59
C GLY A 30 8.37 10.99 21.42
N LEU A 31 7.21 11.11 20.81
CA LEU A 31 6.34 9.96 20.61
C LEU A 31 6.80 9.13 19.41
N VAL A 32 7.47 9.78 18.47
CA VAL A 32 7.79 9.13 17.20
C VAL A 32 9.06 9.71 16.56
N ASP A 33 9.85 8.83 15.95
CA ASP A 33 10.98 9.23 15.15
C ASP A 33 11.09 8.28 13.97
N VAL A 34 11.05 8.82 12.76
CA VAL A 34 11.19 8.03 11.55
C VAL A 34 12.46 8.43 10.82
N ALA A 35 13.42 7.51 10.74
CA ALA A 35 14.69 7.80 10.09
C ALA A 35 14.84 6.93 8.85
N VAL A 36 15.39 7.50 7.80
CA VAL A 36 15.57 6.78 6.54
C VAL A 36 17.03 6.68 6.22
N HIS A 37 17.45 5.50 5.79
CA HIS A 37 18.85 5.21 5.52
C HIS A 37 19.04 4.69 4.11
N ASP A 38 19.99 5.27 3.39
CA ASP A 38 20.39 4.79 2.07
C ASP A 38 21.20 3.52 2.22
N LEU A 39 20.70 2.40 1.70
CA LEU A 39 21.40 1.13 1.78
C LEU A 39 22.82 1.19 1.22
N ARG A 40 23.07 2.09 0.28
CA ARG A 40 24.40 2.13 -0.33
C ARG A 40 25.48 2.59 0.65
N ARG A 41 25.07 3.12 1.79
CA ARG A 41 26.02 3.44 2.87
C ARG A 41 26.83 2.20 3.30
N TRP A 42 26.25 1.02 3.13
CA TRP A 42 26.89 -0.20 3.59
C TRP A 42 27.42 -1.05 2.44
N THR A 43 27.56 -0.45 1.25
CA THR A 43 28.19 -1.19 0.16
C THR A 43 29.71 -1.23 0.35
N HIS A 44 30.34 -2.20 -0.31
CA HIS A 44 31.77 -2.45 -0.10
C HIS A 44 32.67 -1.98 -1.21
N ASP A 45 32.09 -1.75 -2.37
CA ASP A 45 32.87 -1.50 -3.58
C ASP A 45 32.65 -0.12 -4.15
N VAL A 46 33.55 0.28 -5.03
CA VAL A 46 33.50 1.61 -5.63
C VAL A 46 32.23 1.78 -6.45
N HIS A 47 31.67 0.67 -6.94
CA HIS A 47 30.45 0.72 -7.75
C HIS A 47 29.16 0.71 -6.92
N LYS A 48 29.29 0.64 -5.60
CA LYS A 48 28.16 0.66 -4.66
C LYS A 48 27.11 -0.38 -5.02
N SER A 49 27.56 -1.63 -5.17
CA SER A 49 26.72 -2.71 -5.62
C SER A 49 25.81 -3.21 -4.52
N VAL A 50 24.52 -3.31 -4.81
CA VAL A 50 23.56 -3.81 -3.82
C VAL A 50 22.91 -5.12 -4.23
N ASP A 51 23.11 -5.55 -5.48
CA ASP A 51 22.54 -6.81 -5.93
C ASP A 51 23.49 -7.57 -6.85
N ASP A 52 23.09 -8.79 -7.18
CA ASP A 52 23.95 -9.72 -7.90
C ASP A 52 23.06 -10.81 -8.49
N SER A 53 23.58 -11.57 -9.44
CA SER A 53 22.77 -12.56 -10.15
C SER A 53 22.33 -13.70 -9.24
N PRO A 54 21.13 -14.24 -9.48
CA PRO A 54 20.63 -15.30 -8.59
C PRO A 54 21.31 -16.64 -8.80
N TYR A 55 21.68 -17.30 -7.69
CA TYR A 55 22.13 -18.69 -7.77
C TYR A 55 21.01 -19.56 -8.31
N GLY A 56 21.36 -20.47 -9.21
CA GLY A 56 20.38 -21.37 -9.80
C GLY A 56 19.81 -20.81 -11.10
N GLY A 57 20.20 -19.59 -11.42
CA GLY A 57 19.78 -18.97 -12.67
C GLY A 57 18.44 -18.27 -12.55
N GLY A 58 18.01 -17.66 -13.64
CA GLY A 58 16.73 -16.98 -13.66
C GLY A 58 16.87 -15.50 -13.94
N PRO A 59 15.74 -14.80 -14.00
CA PRO A 59 15.73 -13.37 -14.32
C PRO A 59 15.95 -12.49 -13.10
N GLY A 60 16.36 -11.26 -13.36
CA GLY A 60 16.48 -10.27 -12.30
C GLY A 60 17.74 -10.41 -11.48
N MET A 61 17.72 -9.77 -10.32
CA MET A 61 18.86 -9.74 -9.43
C MET A 61 18.39 -9.94 -8.00
N VAL A 62 19.28 -10.44 -7.15
CA VAL A 62 18.98 -10.70 -5.75
C VAL A 62 19.85 -9.76 -4.91
N MET A 63 19.29 -9.16 -3.86
CA MET A 63 20.08 -8.23 -3.09
C MET A 63 21.10 -8.95 -2.22
N LYS A 64 22.28 -8.34 -2.15
CA LYS A 64 23.47 -8.97 -1.57
C LYS A 64 23.37 -9.15 -0.06
N PRO A 65 23.73 -10.34 0.43
CA PRO A 65 23.65 -10.54 1.89
C PRO A 65 24.69 -9.76 2.68
N THR A 66 25.88 -9.57 2.12
CA THR A 66 26.93 -8.90 2.86
C THR A 66 26.58 -7.44 3.12
N VAL A 67 25.92 -6.79 2.16
CA VAL A 67 25.54 -5.40 2.31
C VAL A 67 24.40 -5.27 3.33
N TRP A 68 23.35 -6.07 3.14
CA TRP A 68 22.22 -6.02 4.07
C TRP A 68 22.63 -6.46 5.47
N GLY A 69 23.50 -7.45 5.57
CA GLY A 69 23.96 -7.90 6.87
C GLY A 69 24.65 -6.79 7.66
N ASP A 70 25.49 -6.01 6.98
CA ASP A 70 26.17 -4.90 7.65
C ASP A 70 25.16 -3.83 8.06
N ALA A 71 24.20 -3.52 7.19
CA ALA A 71 23.21 -2.48 7.47
C ALA A 71 22.40 -2.84 8.70
N LEU A 72 21.91 -4.07 8.75
CA LEU A 72 21.06 -4.48 9.86
C LEU A 72 21.88 -4.64 11.15
N ASP A 73 23.14 -5.05 11.03
CA ASP A 73 24.00 -5.14 12.21
C ASP A 73 24.13 -3.78 12.89
N GLU A 74 24.21 -2.73 12.09
CA GLU A 74 24.37 -1.39 12.65
C GLU A 74 23.07 -0.86 13.21
N ILE A 75 21.97 -1.08 12.49
CA ILE A 75 20.71 -0.43 12.79
C ILE A 75 19.87 -1.19 13.83
N CYS A 76 19.92 -2.51 13.80
CA CYS A 76 19.05 -3.31 14.67
C CYS A 76 19.68 -3.61 16.02
N THR A 77 18.83 -3.82 17.02
CA THR A 77 19.27 -4.38 18.28
C THR A 77 18.42 -5.61 18.60
N SER A 78 18.66 -6.20 19.76
CA SER A 78 17.90 -7.36 20.16
C SER A 78 16.40 -7.06 20.30
N GLU A 79 16.06 -5.79 20.54
CA GLU A 79 14.67 -5.41 20.76
C GLU A 79 13.91 -5.07 19.47
N THR A 80 14.63 -5.01 18.36
CA THR A 80 14.07 -4.63 17.07
C THR A 80 13.07 -5.64 16.53
N LEU A 81 11.98 -5.13 15.96
CA LEU A 81 11.10 -5.92 15.12
C LEU A 81 11.48 -5.61 13.69
N LEU A 82 12.10 -6.57 13.02
CA LEU A 82 12.55 -6.37 11.63
C LEU A 82 11.44 -6.75 10.69
N VAL A 83 10.97 -5.77 9.93
CA VAL A 83 9.88 -5.95 8.99
C VAL A 83 10.43 -5.98 7.57
N VAL A 84 10.13 -7.06 6.84
CA VAL A 84 10.59 -7.21 5.46
C VAL A 84 9.38 -7.33 4.53
N PRO A 85 9.01 -6.23 3.86
CA PRO A 85 7.89 -6.34 2.91
C PRO A 85 8.26 -7.20 1.71
N THR A 86 7.41 -8.16 1.40
CA THR A 86 7.63 -9.02 0.25
C THR A 86 6.31 -9.62 -0.20
N PRO A 87 6.10 -9.78 -1.51
CA PRO A 87 4.84 -10.37 -1.93
C PRO A 87 4.73 -11.82 -1.48
N ALA A 88 5.84 -12.41 -1.05
CA ALA A 88 5.82 -13.79 -0.58
C ALA A 88 5.64 -13.86 0.94
N GLY A 89 5.27 -12.76 1.59
CA GLY A 89 5.18 -12.74 3.04
C GLY A 89 3.88 -13.28 3.62
N TYR A 90 3.85 -13.38 4.94
CA TYR A 90 2.59 -13.55 5.65
C TYR A 90 1.75 -12.28 5.48
N PRO A 91 0.42 -12.41 5.48
CA PRO A 91 -0.42 -11.21 5.30
C PRO A 91 -0.28 -10.18 6.42
N PHE A 92 -0.03 -8.93 6.03
CA PHE A 92 -0.12 -7.80 6.95
C PHE A 92 -1.58 -7.37 6.99
N THR A 93 -2.16 -7.39 8.18
CA THR A 93 -3.57 -7.02 8.36
C THR A 93 -3.72 -5.97 9.45
N GLN A 94 -4.97 -5.54 9.67
CA GLN A 94 -5.24 -4.58 10.74
C GLN A 94 -4.80 -5.13 12.10
N GLU A 95 -4.94 -6.43 12.30
CA GLU A 95 -4.49 -7.06 13.53
C GLU A 95 -2.99 -6.89 13.69
N THR A 96 -2.25 -7.09 12.60
CA THR A 96 -0.80 -6.90 12.62
C THR A 96 -0.45 -5.46 13.00
N ALA A 97 -1.16 -4.51 12.40
CA ALA A 97 -0.91 -3.11 12.64
C ALA A 97 -1.07 -2.79 14.12
N TRP A 98 -2.16 -3.30 14.72
CA TRP A 98 -2.42 -3.10 16.14
C TRP A 98 -1.29 -3.68 16.98
N GLN A 99 -0.87 -4.89 16.65
CA GLN A 99 0.24 -5.53 17.37
C GLN A 99 1.51 -4.69 17.31
N TRP A 100 1.86 -4.24 16.12
CA TRP A 100 3.12 -3.52 15.95
C TRP A 100 3.08 -2.11 16.50
N SER A 101 1.88 -1.57 16.75
CA SER A 101 1.77 -0.18 17.19
C SER A 101 2.34 0.07 18.59
N THR A 102 2.60 -0.99 19.36
CA THR A 102 3.16 -0.81 20.68
C THR A 102 4.64 -1.20 20.74
N GLU A 103 5.24 -1.43 19.58
CA GLU A 103 6.67 -1.75 19.51
C GLU A 103 7.54 -0.51 19.72
N ASP A 104 8.71 -0.72 20.31
CA ASP A 104 9.63 0.37 20.56
C ASP A 104 10.45 0.72 19.32
N HIS A 105 10.73 -0.29 18.49
CA HIS A 105 11.65 -0.12 17.38
C HIS A 105 11.30 -1.04 16.22
N LEU A 106 10.83 -0.45 15.13
CA LEU A 106 10.64 -1.16 13.87
C LEU A 106 11.77 -0.80 12.93
N VAL A 107 12.33 -1.80 12.26
CA VAL A 107 13.23 -1.56 11.15
C VAL A 107 12.60 -2.18 9.93
N ILE A 108 12.42 -1.38 8.88
CA ILE A 108 11.78 -1.87 7.65
C ILE A 108 12.82 -1.96 6.56
N ALA A 109 13.07 -3.18 6.09
CA ALA A 109 14.05 -3.46 5.07
C ALA A 109 13.38 -3.51 3.70
N CYS A 110 13.61 -2.49 2.88
CA CYS A 110 12.98 -2.40 1.57
C CYS A 110 13.84 -3.04 0.50
N GLY A 111 13.35 -4.10 -0.13
CA GLY A 111 14.08 -4.73 -1.21
C GLY A 111 13.31 -4.80 -2.51
N ARG A 112 14.03 -5.09 -3.59
CA ARG A 112 13.40 -5.38 -4.89
C ARG A 112 12.59 -6.68 -4.83
N TYR A 113 11.61 -6.83 -5.73
CA TYR A 113 10.68 -7.95 -5.61
C TYR A 113 11.34 -9.32 -5.81
N GLU A 114 12.48 -9.37 -6.50
CA GLU A 114 13.18 -10.64 -6.69
C GLU A 114 13.75 -11.13 -5.37
N GLY A 115 13.92 -10.19 -4.43
CA GLY A 115 14.21 -10.56 -3.07
C GLY A 115 15.58 -10.18 -2.55
N ILE A 116 15.66 -10.18 -1.23
CA ILE A 116 16.90 -10.13 -0.49
C ILE A 116 17.35 -11.57 -0.24
N ASP A 117 18.63 -11.87 -0.45
CA ASP A 117 19.18 -13.17 -0.13
C ASP A 117 18.58 -13.68 1.19
N GLN A 118 18.00 -14.88 1.17
CA GLN A 118 17.22 -15.36 2.30
C GLN A 118 18.06 -15.50 3.57
N ARG A 119 19.38 -15.61 3.43
CA ARG A 119 20.21 -15.75 4.63
C ARG A 119 20.19 -14.51 5.51
N VAL A 120 19.87 -13.35 4.92
CA VAL A 120 19.80 -12.12 5.71
C VAL A 120 18.70 -12.24 6.77
N ALA A 121 17.48 -12.57 6.36
CA ALA A 121 16.37 -12.71 7.29
C ALA A 121 16.62 -13.89 8.22
N ASP A 122 17.16 -14.97 7.68
CA ASP A 122 17.36 -16.15 8.51
C ASP A 122 18.40 -15.89 9.60
N ASP A 123 19.50 -15.22 9.25
CA ASP A 123 20.50 -14.83 10.23
C ASP A 123 19.91 -13.86 11.25
N ALA A 124 19.22 -12.83 10.79
CA ALA A 124 18.63 -11.86 11.70
C ALA A 124 17.70 -12.54 12.71
N ALA A 125 16.96 -13.55 12.26
CA ALA A 125 15.95 -14.21 13.08
C ALA A 125 16.55 -15.01 14.23
N THR A 126 17.87 -15.20 14.20
CA THR A 126 18.54 -15.88 15.31
C THR A 126 18.84 -14.92 16.47
N ARG A 127 18.61 -13.62 16.29
CA ARG A 127 18.89 -12.70 17.39
C ARG A 127 17.86 -11.58 17.54
N MET A 128 16.83 -11.56 16.71
CA MET A 128 15.74 -10.61 16.85
C MET A 128 14.48 -11.18 16.22
N ARG A 129 13.35 -10.50 16.40
CA ARG A 129 12.10 -10.91 15.78
C ARG A 129 12.03 -10.38 14.35
N VAL A 130 11.72 -11.27 13.41
CA VAL A 130 11.67 -10.93 11.98
C VAL A 130 10.28 -11.26 11.44
N ARG A 131 9.73 -10.35 10.63
CA ARG A 131 8.40 -10.53 10.05
C ARG A 131 8.43 -10.22 8.58
N GLU A 132 8.33 -11.25 7.76
CA GLU A 132 8.25 -11.04 6.31
C GLU A 132 6.77 -10.95 5.98
N VAL A 133 6.34 -9.82 5.41
CA VAL A 133 4.91 -9.60 5.23
C VAL A 133 4.54 -9.04 3.87
N SER A 134 3.36 -9.44 3.40
CA SER A 134 2.77 -8.90 2.19
CA SER A 134 2.79 -8.90 2.19
C SER A 134 1.61 -7.99 2.54
N ILE A 135 1.48 -6.89 1.81
CA ILE A 135 0.34 -5.99 2.06
C ILE A 135 -0.84 -6.25 1.13
N GLY A 136 -0.76 -7.26 0.27
CA GLY A 136 -1.88 -7.58 -0.61
C GLY A 136 -1.43 -8.54 -1.70
N ASP A 137 -2.38 -8.92 -2.56
CA ASP A 137 -2.11 -9.94 -3.57
C ASP A 137 -1.71 -9.31 -4.88
N TYR A 138 -0.55 -8.65 -4.88
CA TYR A 138 0.00 -8.03 -6.09
C TYR A 138 1.50 -7.86 -5.88
N VAL A 139 2.20 -7.66 -6.98
CA VAL A 139 3.64 -7.49 -6.96
C VAL A 139 3.98 -6.04 -7.28
N LEU A 140 4.94 -5.48 -6.54
CA LEU A 140 5.49 -4.16 -6.82
C LEU A 140 6.91 -4.36 -7.27
N ASN A 141 7.54 -3.33 -7.82
CA ASN A 141 8.97 -3.48 -8.14
C ASN A 141 9.87 -3.46 -6.92
N GLY A 142 9.47 -2.72 -5.90
CA GLY A 142 10.24 -2.61 -4.68
C GLY A 142 9.35 -2.49 -3.47
N GLY A 143 9.94 -2.63 -2.29
CA GLY A 143 9.14 -2.64 -1.08
C GLY A 143 8.76 -1.27 -0.54
N GLU A 144 9.24 -0.20 -1.16
CA GLU A 144 9.07 1.15 -0.62
C GLU A 144 7.60 1.56 -0.46
N ALA A 145 6.76 1.34 -1.46
CA ALA A 145 5.36 1.71 -1.31
C ALA A 145 4.68 0.89 -0.23
N ALA A 146 5.07 -0.37 -0.10
CA ALA A 146 4.54 -1.20 0.98
C ALA A 146 4.99 -0.69 2.35
N ALA A 147 6.24 -0.24 2.45
CA ALA A 147 6.73 0.39 3.67
C ALA A 147 5.88 1.60 4.05
N LEU A 148 5.50 2.43 3.09
CA LEU A 148 4.66 3.60 3.41
C LEU A 148 3.31 3.17 3.96
N VAL A 149 2.73 2.14 3.36
CA VAL A 149 1.44 1.64 3.81
C VAL A 149 1.54 1.10 5.23
N ILE A 150 2.56 0.30 5.48
CA ILE A 150 2.77 -0.25 6.82
C ILE A 150 3.00 0.86 7.87
N ILE A 151 3.83 1.83 7.54
CA ILE A 151 4.13 2.91 8.49
C ILE A 151 2.84 3.67 8.85
N GLU A 152 2.05 3.98 7.83
CA GLU A 152 0.81 4.71 8.05
C GLU A 152 -0.22 3.89 8.83
N ALA A 153 -0.36 2.61 8.47
CA ALA A 153 -1.34 1.75 9.14
C ALA A 153 -1.00 1.55 10.61
N VAL A 154 0.29 1.51 10.93
CA VAL A 154 0.76 1.34 12.30
C VAL A 154 0.68 2.65 13.07
N LEU A 155 1.25 3.71 12.53
CA LEU A 155 1.38 4.95 13.30
C LEU A 155 0.04 5.63 13.57
N ARG A 156 -0.97 5.39 12.74
CA ARG A 156 -2.28 5.99 12.99
C ARG A 156 -2.94 5.36 14.21
N LEU A 157 -2.40 4.24 14.67
CA LEU A 157 -2.93 3.57 15.87
C LEU A 157 -2.17 3.95 17.14
N VAL A 158 -1.10 4.71 17.00
CA VAL A 158 -0.37 5.21 18.16
C VAL A 158 -0.96 6.57 18.54
N PRO A 159 -1.49 6.68 19.76
CA PRO A 159 -2.15 7.91 20.22
C PRO A 159 -1.33 9.17 19.95
N GLY A 160 -1.90 10.11 19.20
CA GLY A 160 -1.30 11.41 18.97
C GLY A 160 -0.20 11.51 17.93
N VAL A 161 0.09 10.44 17.20
CA VAL A 161 1.24 10.46 16.30
C VAL A 161 0.96 11.06 14.91
N LEU A 162 -0.15 10.69 14.28
CA LEU A 162 -0.41 11.24 12.94
C LEU A 162 -1.47 12.35 12.93
N GLY A 163 -2.14 12.56 14.07
CA GLY A 163 -3.10 13.64 14.19
C GLY A 163 -4.54 13.22 13.96
N ASN A 164 -4.74 11.93 13.68
CA ASN A 164 -6.07 11.38 13.48
C ASN A 164 -6.71 10.96 14.82
N ALA A 165 -8.03 11.03 14.89
CA ALA A 165 -8.76 10.61 16.08
C ALA A 165 -9.38 9.23 15.88
N SER A 179 -14.81 -7.79 9.79
CA SER A 179 -16.18 -8.11 10.16
C SER A 179 -17.13 -7.79 9.00
N LEU A 180 -17.59 -6.55 8.98
CA LEU A 180 -18.40 -6.05 7.87
C LEU A 180 -17.77 -4.78 7.33
N LEU A 181 -17.99 -4.49 6.05
CA LEU A 181 -17.57 -3.23 5.46
C LEU A 181 -18.44 -2.06 5.90
N GLU A 182 -17.84 -0.88 6.02
CA GLU A 182 -18.62 0.33 6.25
C GLU A 182 -19.45 0.65 5.03
N GLY A 183 -20.69 1.10 5.26
CA GLY A 183 -21.57 1.47 4.17
C GLY A 183 -21.32 2.89 3.70
N PRO A 184 -22.17 3.39 2.81
CA PRO A 184 -21.97 4.73 2.24
C PRO A 184 -22.13 5.84 3.28
N SER A 185 -21.44 6.95 3.06
CA SER A 185 -21.56 8.13 3.91
CA SER A 185 -21.56 8.12 3.90
C SER A 185 -22.02 9.31 3.09
N TYR A 186 -22.64 10.28 3.75
CA TYR A 186 -23.20 11.47 3.09
C TYR A 186 -23.00 12.71 3.93
N THR A 187 -22.89 13.86 3.28
CA THR A 187 -22.90 15.15 3.96
C THR A 187 -23.58 16.18 3.05
N ARG A 188 -23.55 17.46 3.44
CA ARG A 188 -24.24 18.51 2.71
C ARG A 188 -23.70 18.64 1.28
N PRO A 189 -24.58 19.01 0.34
CA PRO A 189 -25.99 19.39 0.50
C PRO A 189 -26.94 18.18 0.47
N PRO A 190 -28.19 18.35 0.95
CA PRO A 190 -29.08 17.18 1.01
C PRO A 190 -29.49 16.68 -0.37
N SER A 191 -29.46 17.54 -1.38
CA SER A 191 -29.71 17.13 -2.76
CA SER A 191 -29.72 17.15 -2.76
C SER A 191 -28.58 17.61 -3.64
N TRP A 192 -28.04 16.71 -4.46
CA TRP A 192 -26.90 17.04 -5.30
C TRP A 192 -26.95 16.23 -6.58
N ARG A 193 -26.95 16.93 -7.70
CA ARG A 193 -27.03 16.33 -9.04
C ARG A 193 -28.13 15.26 -9.13
N GLY A 194 -29.30 15.59 -8.59
CA GLY A 194 -30.44 14.70 -8.69
C GLY A 194 -30.43 13.57 -7.69
N MET A 195 -29.44 13.56 -6.80
CA MET A 195 -29.35 12.50 -5.81
C MET A 195 -29.56 13.04 -4.41
N ASP A 196 -30.59 12.53 -3.74
CA ASP A 196 -30.91 12.91 -2.37
C ASP A 196 -30.20 12.03 -1.35
N VAL A 197 -29.78 12.62 -0.24
CA VAL A 197 -29.30 11.83 0.88
C VAL A 197 -30.47 10.95 1.37
N PRO A 198 -30.20 9.68 1.68
CA PRO A 198 -31.30 8.82 2.16
C PRO A 198 -32.07 9.47 3.31
N PRO A 199 -33.39 9.65 3.15
CA PRO A 199 -34.17 10.39 4.15
C PRO A 199 -34.06 9.83 5.56
N VAL A 200 -33.85 8.53 5.71
CA VAL A 200 -33.72 7.97 7.06
C VAL A 200 -32.62 8.68 7.86
N LEU A 201 -31.56 9.13 7.19
CA LEU A 201 -30.46 9.76 7.91
C LEU A 201 -30.86 11.11 8.52
N LEU A 202 -31.94 11.70 7.99
CA LEU A 202 -32.41 12.99 8.51
C LEU A 202 -33.57 12.83 9.47
N SER A 203 -33.91 11.58 9.79
CA SER A 203 -35.16 11.30 10.50
C SER A 203 -35.15 11.55 11.99
N GLY A 204 -33.95 11.62 12.58
CA GLY A 204 -33.87 11.71 14.03
C GLY A 204 -34.34 10.45 14.75
N ASP A 205 -34.45 9.33 14.02
CA ASP A 205 -34.76 8.05 14.64
C ASP A 205 -33.46 7.28 14.69
N HIS A 206 -32.71 7.39 15.78
CA HIS A 206 -31.33 6.93 15.72
C HIS A 206 -31.19 5.42 15.80
N ALA A 207 -32.18 4.73 16.38
CA ALA A 207 -32.17 3.27 16.32
C ALA A 207 -32.43 2.80 14.91
N LYS A 208 -33.35 3.46 14.22
CA LYS A 208 -33.64 3.10 12.82
C LYS A 208 -32.43 3.39 11.93
N ILE A 209 -31.76 4.53 12.14
CA ILE A 209 -30.57 4.84 11.36
C ILE A 209 -29.51 3.75 11.52
N ALA A 210 -29.31 3.28 12.74
CA ALA A 210 -28.33 2.22 12.98
C ALA A 210 -28.70 0.94 12.24
N ALA A 211 -29.99 0.61 12.21
CA ALA A 211 -30.43 -0.59 11.54
C ALA A 211 -30.26 -0.43 10.03
N TRP A 212 -30.53 0.76 9.52
CA TRP A 212 -30.36 1.02 8.08
C TRP A 212 -28.90 0.90 7.70
N ARG A 213 -28.02 1.46 8.52
CA ARG A 213 -26.59 1.36 8.26
C ARG A 213 -26.10 -0.08 8.33
N ALA A 214 -26.64 -0.86 9.24
CA ALA A 214 -26.27 -2.27 9.32
C ALA A 214 -26.65 -3.01 8.04
N GLU A 215 -27.83 -2.74 7.51
CA GLU A 215 -28.27 -3.41 6.28
C GLU A 215 -27.41 -2.93 5.10
N GLN A 216 -27.04 -1.65 5.07
CA GLN A 216 -26.17 -1.17 4.00
C GLN A 216 -24.83 -1.86 4.04
N SER A 217 -24.31 -2.03 5.25
CA SER A 217 -23.05 -2.72 5.48
CA SER A 217 -23.05 -2.72 5.45
C SER A 217 -23.15 -4.18 5.00
N ARG A 218 -24.25 -4.84 5.34
CA ARG A 218 -24.44 -6.22 4.92
C ARG A 218 -24.44 -6.35 3.40
N GLN A 219 -25.23 -5.51 2.74
CA GLN A 219 -25.32 -5.58 1.28
C GLN A 219 -23.99 -5.31 0.62
N ARG A 220 -23.27 -4.30 1.10
CA ARG A 220 -21.99 -3.94 0.52
C ARG A 220 -20.97 -5.05 0.71
N THR A 221 -21.00 -5.69 1.87
CA THR A 221 -20.06 -6.78 2.15
C THR A 221 -20.35 -7.98 1.24
N ILE A 222 -21.63 -8.33 1.06
CA ILE A 222 -22.00 -9.43 0.17
C ILE A 222 -21.52 -9.15 -1.26
N GLU A 223 -21.71 -7.92 -1.69
CA GLU A 223 -21.35 -7.54 -3.06
C GLU A 223 -19.85 -7.47 -3.29
N ARG A 224 -19.11 -6.85 -2.38
CA ARG A 224 -17.71 -6.54 -2.61
C ARG A 224 -16.73 -7.51 -1.96
N ARG A 225 -17.13 -8.11 -0.84
CA ARG A 225 -16.24 -8.95 -0.03
C ARG A 225 -16.97 -10.15 0.57
N PRO A 226 -17.54 -11.02 -0.30
CA PRO A 226 -18.27 -12.19 0.22
C PRO A 226 -17.38 -13.11 1.07
N ASP A 227 -16.06 -12.99 0.92
CA ASP A 227 -15.13 -13.77 1.73
C ASP A 227 -15.27 -13.46 3.22
N LEU A 228 -15.74 -12.26 3.55
CA LEU A 228 -15.84 -11.84 4.94
C LEU A 228 -17.04 -12.41 5.68
N LEU A 229 -17.90 -13.14 4.98
CA LEU A 229 -19.12 -13.65 5.59
C LEU A 229 -19.11 -15.16 5.77
N SER B 2 0.98 5.26 -24.50
CA SER B 2 1.09 6.15 -23.35
C SER B 2 -0.15 6.10 -22.47
N MET B 3 0.06 6.14 -21.15
CA MET B 3 -1.02 6.19 -20.19
C MET B 3 -0.99 7.56 -19.50
N LYS B 4 -2.15 8.09 -19.15
CA LYS B 4 -2.24 9.27 -18.30
C LYS B 4 -2.82 8.86 -16.96
N ILE B 5 -2.16 9.25 -15.88
CA ILE B 5 -2.69 9.06 -14.54
C ILE B 5 -2.82 10.42 -13.86
N ASP B 6 -4.04 10.76 -13.45
CA ASP B 6 -4.28 11.95 -12.64
C ASP B 6 -4.61 11.53 -11.21
N VAL B 7 -3.96 12.14 -10.23
CA VAL B 7 -4.27 11.85 -8.84
C VAL B 7 -4.81 13.11 -8.19
N VAL B 8 -5.94 13.00 -7.50
CA VAL B 8 -6.54 14.16 -6.86
C VAL B 8 -6.53 13.94 -5.36
N THR B 9 -6.01 14.92 -4.63
CA THR B 9 -5.69 14.75 -3.22
C THR B 9 -5.64 16.09 -2.52
N ILE B 10 -5.90 16.13 -1.21
CA ILE B 10 -5.63 17.36 -0.48
C ILE B 10 -4.20 17.42 0.06
N PHE B 11 -3.42 16.36 -0.18
CA PHE B 11 -2.01 16.35 0.16
C PHE B 11 -1.14 16.02 -1.04
N PRO B 12 -1.08 16.91 -2.03
CA PRO B 12 -0.31 16.65 -3.25
C PRO B 12 1.15 16.31 -2.98
N GLU B 13 1.71 16.84 -1.90
CA GLU B 13 3.11 16.56 -1.60
C GLU B 13 3.36 15.08 -1.27
N TYR B 14 2.36 14.38 -0.75
CA TYR B 14 2.54 12.97 -0.41
C TYR B 14 2.72 12.09 -1.64
N LEU B 15 2.41 12.61 -2.83
CA LEU B 15 2.49 11.81 -4.06
C LEU B 15 3.84 11.97 -4.75
N GLN B 16 4.71 12.82 -4.18
CA GLN B 16 6.06 12.98 -4.70
C GLN B 16 6.87 11.69 -4.90
N PRO B 17 6.68 10.64 -4.05
CA PRO B 17 7.47 9.43 -4.28
C PRO B 17 7.28 8.78 -5.65
N VAL B 18 6.23 9.16 -6.37
CA VAL B 18 5.98 8.59 -7.70
C VAL B 18 7.10 9.01 -8.67
N ARG B 19 7.90 9.99 -8.27
CA ARG B 19 9.04 10.44 -9.08
C ARG B 19 10.24 9.51 -8.89
N GLN B 20 10.13 8.56 -7.97
CA GLN B 20 11.23 7.64 -7.66
C GLN B 20 11.10 6.33 -8.40
N SER B 21 12.19 5.56 -8.41
CA SER B 21 12.28 4.21 -9.00
C SER B 21 11.47 4.05 -10.29
N LEU B 22 10.74 2.95 -10.44
CA LEU B 22 10.13 2.67 -11.75
C LEU B 22 9.04 3.63 -12.19
N PRO B 23 8.16 4.11 -11.27
CA PRO B 23 7.26 5.14 -11.79
C PRO B 23 8.03 6.34 -12.36
N GLY B 24 9.10 6.74 -11.68
CA GLY B 24 9.94 7.82 -12.16
C GLY B 24 10.56 7.48 -13.50
N LYS B 25 11.04 6.25 -13.65
CA LYS B 25 11.67 5.85 -14.90
C LYS B 25 10.65 5.70 -16.04
N ALA B 26 9.43 5.29 -15.72
CA ALA B 26 8.38 5.19 -16.72
C ALA B 26 7.98 6.59 -17.21
N ILE B 27 7.94 7.55 -16.28
CA ILE B 27 7.64 8.94 -16.63
C ILE B 27 8.71 9.51 -17.55
N ASP B 28 9.98 9.29 -17.20
CA ASP B 28 11.10 9.79 -17.99
C ASP B 28 11.18 9.15 -19.36
N ALA B 29 10.67 7.92 -19.47
CA ALA B 29 10.68 7.21 -20.74
C ALA B 29 9.49 7.62 -21.61
N GLY B 30 8.60 8.42 -21.03
CA GLY B 30 7.43 8.90 -21.75
C GLY B 30 6.34 7.85 -21.91
N LEU B 31 6.38 6.81 -21.08
CA LEU B 31 5.40 5.74 -21.17
C LEU B 31 4.16 6.10 -20.38
N VAL B 32 4.31 7.05 -19.47
CA VAL B 32 3.20 7.50 -18.66
C VAL B 32 3.38 8.97 -18.28
N ASP B 33 2.26 9.67 -18.14
CA ASP B 33 2.27 11.01 -17.58
C ASP B 33 1.47 11.00 -16.29
N VAL B 34 2.12 11.31 -15.17
CA VAL B 34 1.44 11.38 -13.88
C VAL B 34 1.27 12.82 -13.44
N ALA B 35 0.03 13.23 -13.24
CA ALA B 35 -0.26 14.58 -12.78
C ALA B 35 -0.98 14.53 -11.45
N VAL B 36 -0.55 15.36 -10.52
CA VAL B 36 -1.14 15.40 -9.19
C VAL B 36 -1.83 16.73 -9.00
N HIS B 37 -3.08 16.69 -8.51
CA HIS B 37 -3.89 17.90 -8.37
C HIS B 37 -4.34 18.11 -6.94
N ASP B 38 -4.25 19.35 -6.47
CA ASP B 38 -4.75 19.73 -5.17
C ASP B 38 -6.27 19.93 -5.24
N LEU B 39 -7.03 19.08 -4.54
CA LEU B 39 -8.49 19.16 -4.53
C LEU B 39 -9.00 20.56 -4.17
N ARG B 40 -8.25 21.30 -3.34
CA ARG B 40 -8.70 22.60 -2.88
C ARG B 40 -8.71 23.65 -4.00
N ARG B 41 -8.11 23.31 -5.14
CA ARG B 41 -8.15 24.17 -6.32
C ARG B 41 -9.60 24.42 -6.77
N TRP B 42 -10.49 23.48 -6.46
CA TRP B 42 -11.86 23.56 -6.90
C TRP B 42 -12.83 24.06 -5.82
N THR B 43 -12.28 24.63 -4.75
CA THR B 43 -13.12 25.26 -3.74
C THR B 43 -13.32 26.73 -4.09
N HIS B 44 -14.33 27.36 -3.52
CA HIS B 44 -14.63 28.76 -3.81
C HIS B 44 -14.74 29.62 -2.56
N ASP B 45 -14.87 28.99 -1.40
CA ASP B 45 -14.86 29.72 -0.14
C ASP B 45 -13.42 30.03 0.26
N VAL B 46 -13.23 31.07 1.05
CA VAL B 46 -11.89 31.47 1.48
C VAL B 46 -11.29 30.47 2.46
N HIS B 47 -12.16 29.63 3.02
CA HIS B 47 -11.73 28.58 3.94
C HIS B 47 -11.24 27.34 3.20
N LYS B 48 -11.58 27.26 1.92
CA LYS B 48 -11.25 26.11 1.09
C LYS B 48 -11.71 24.81 1.74
N SER B 49 -12.94 24.83 2.27
CA SER B 49 -13.49 23.69 2.98
C SER B 49 -13.84 22.52 2.07
N VAL B 50 -13.36 21.33 2.41
CA VAL B 50 -13.64 20.16 1.59
C VAL B 50 -14.47 19.11 2.33
N ASP B 51 -14.77 19.37 3.61
CA ASP B 51 -15.43 18.36 4.43
C ASP B 51 -16.53 18.93 5.32
N ASP B 52 -17.45 18.06 5.76
CA ASP B 52 -18.43 18.45 6.77
C ASP B 52 -18.92 17.22 7.52
N SER B 53 -19.71 17.45 8.57
CA SER B 53 -20.20 16.37 9.43
CA SER B 53 -20.20 16.36 9.42
C SER B 53 -21.13 15.42 8.67
N PRO B 54 -21.12 14.13 9.03
CA PRO B 54 -22.00 13.17 8.33
C PRO B 54 -23.48 13.31 8.64
N TYR B 55 -24.30 13.23 7.61
CA TYR B 55 -25.73 13.05 7.83
C TYR B 55 -25.94 11.75 8.59
N GLY B 56 -26.85 11.78 9.56
CA GLY B 56 -27.14 10.58 10.32
C GLY B 56 -26.26 10.38 11.53
N GLY B 57 -25.26 11.23 11.68
CA GLY B 57 -24.35 11.14 12.80
C GLY B 57 -23.17 10.23 12.59
N GLY B 58 -22.32 10.19 13.60
CA GLY B 58 -21.11 9.38 13.55
C GLY B 58 -19.90 10.25 13.75
N PRO B 59 -18.75 9.60 14.01
CA PRO B 59 -17.52 10.37 14.24
C PRO B 59 -16.96 10.93 12.95
N GLY B 60 -16.23 12.03 13.07
CA GLY B 60 -15.44 12.53 11.96
C GLY B 60 -16.19 13.33 10.93
N MET B 61 -15.57 13.43 9.75
CA MET B 61 -16.05 14.28 8.70
C MET B 61 -16.10 13.51 7.40
N VAL B 62 -16.96 13.95 6.49
CA VAL B 62 -17.12 13.34 5.19
C VAL B 62 -16.71 14.38 4.13
N MET B 63 -16.01 13.97 3.08
CA MET B 63 -15.68 14.93 2.03
C MET B 63 -16.94 15.28 1.23
N LYS B 64 -17.11 16.57 1.01
CA LYS B 64 -18.28 17.12 0.31
C LYS B 64 -18.31 16.71 -1.16
N PRO B 65 -19.49 16.40 -1.68
CA PRO B 65 -19.57 16.01 -3.09
C PRO B 65 -19.35 17.17 -4.06
N THR B 66 -19.69 18.40 -3.66
CA THR B 66 -19.60 19.52 -4.60
C THR B 66 -18.20 19.72 -5.15
N VAL B 67 -17.22 19.77 -4.26
CA VAL B 67 -15.84 20.03 -4.66
C VAL B 67 -15.31 18.91 -5.55
N TRP B 68 -15.59 17.67 -5.15
CA TRP B 68 -15.17 16.51 -5.91
C TRP B 68 -15.82 16.50 -7.30
N GLY B 69 -17.11 16.82 -7.36
CA GLY B 69 -17.82 16.86 -8.62
C GLY B 69 -17.17 17.82 -9.60
N ASP B 70 -16.79 19.00 -9.11
CA ASP B 70 -16.17 19.99 -9.97
C ASP B 70 -14.80 19.54 -10.44
N ALA B 71 -14.03 18.95 -9.55
CA ALA B 71 -12.70 18.46 -9.90
C ALA B 71 -12.81 17.38 -10.97
N LEU B 72 -13.68 16.39 -10.75
CA LEU B 72 -13.79 15.28 -11.68
C LEU B 72 -14.40 15.71 -13.00
N ASP B 73 -15.31 16.67 -12.97
CA ASP B 73 -15.85 17.24 -14.21
C ASP B 73 -14.75 17.74 -15.14
N GLU B 74 -13.74 18.38 -14.55
CA GLU B 74 -12.66 18.97 -15.32
C GLU B 74 -11.64 17.95 -15.81
N ILE B 75 -11.36 16.95 -14.97
CA ILE B 75 -10.28 16.01 -15.22
C ILE B 75 -10.72 14.77 -16.00
N CYS B 76 -11.95 14.32 -15.77
CA CYS B 76 -12.41 13.06 -16.36
C CYS B 76 -13.12 13.22 -17.69
N THR B 77 -13.06 12.16 -18.50
CA THR B 77 -13.91 12.02 -19.67
C THR B 77 -14.65 10.69 -19.58
N SER B 78 -15.50 10.42 -20.57
CA SER B 78 -16.26 9.17 -20.60
C SER B 78 -15.36 7.94 -20.69
N GLU B 79 -14.12 8.13 -21.13
CA GLU B 79 -13.18 7.03 -21.29
C GLU B 79 -12.37 6.78 -20.02
N THR B 80 -12.48 7.68 -19.06
CA THR B 80 -11.70 7.59 -17.82
C THR B 80 -12.10 6.38 -16.98
N LEU B 81 -11.10 5.71 -16.41
CA LEU B 81 -11.36 4.79 -15.32
C LEU B 81 -11.11 5.52 -14.01
N LEU B 82 -12.19 5.79 -13.28
CA LEU B 82 -12.09 6.47 -11.99
C LEU B 82 -11.86 5.44 -10.90
N VAL B 83 -10.72 5.58 -10.23
CA VAL B 83 -10.32 4.67 -9.17
C VAL B 83 -10.46 5.37 -7.84
N VAL B 84 -11.21 4.77 -6.93
CA VAL B 84 -11.41 5.36 -5.61
C VAL B 84 -10.92 4.40 -4.54
N PRO B 85 -9.71 4.62 -4.01
CA PRO B 85 -9.23 3.74 -2.94
C PRO B 85 -10.05 3.87 -1.67
N THR B 86 -10.50 2.75 -1.12
CA THR B 86 -11.27 2.79 0.11
C THR B 86 -11.18 1.43 0.77
N PRO B 87 -11.14 1.38 2.11
CA PRO B 87 -11.09 0.06 2.77
C PRO B 87 -12.36 -0.75 2.53
N ALA B 88 -13.42 -0.09 2.08
CA ALA B 88 -14.69 -0.73 1.79
C ALA B 88 -14.81 -1.12 0.33
N GLY B 89 -13.70 -1.09 -0.41
CA GLY B 89 -13.77 -1.36 -1.84
C GLY B 89 -13.71 -2.83 -2.22
N TYR B 90 -13.91 -3.11 -3.52
CA TYR B 90 -13.57 -4.43 -4.06
C TYR B 90 -12.06 -4.64 -3.94
N PRO B 91 -11.61 -5.88 -3.75
CA PRO B 91 -10.14 -6.04 -3.66
C PRO B 91 -9.39 -5.68 -4.95
N PHE B 92 -8.33 -4.88 -4.78
CA PHE B 92 -7.36 -4.65 -5.84
C PHE B 92 -6.36 -5.79 -5.81
N THR B 93 -6.27 -6.55 -6.90
CA THR B 93 -5.37 -7.70 -6.98
C THR B 93 -4.45 -7.63 -8.19
N GLN B 94 -3.56 -8.62 -8.31
CA GLN B 94 -2.72 -8.69 -9.48
C GLN B 94 -3.53 -8.70 -10.77
N GLU B 95 -4.69 -9.37 -10.77
CA GLU B 95 -5.55 -9.37 -11.95
C GLU B 95 -6.01 -7.95 -12.26
N THR B 96 -6.38 -7.20 -11.23
CA THR B 96 -6.78 -5.81 -11.42
C THR B 96 -5.65 -5.01 -12.04
N ALA B 97 -4.44 -5.23 -11.54
CA ALA B 97 -3.28 -4.50 -12.06
C ALA B 97 -3.08 -4.77 -13.56
N TRP B 98 -3.17 -6.03 -13.97
CA TRP B 98 -3.09 -6.38 -15.38
C TRP B 98 -4.18 -5.69 -16.19
N GLN B 99 -5.40 -5.69 -15.66
CA GLN B 99 -6.52 -5.08 -16.36
C GLN B 99 -6.28 -3.61 -16.57
N TRP B 100 -5.84 -2.93 -15.53
CA TRP B 100 -5.73 -1.48 -15.60
C TRP B 100 -4.48 -1.06 -16.38
N SER B 101 -3.54 -1.99 -16.56
CA SER B 101 -2.31 -1.69 -17.28
C SER B 101 -2.56 -1.36 -18.76
N THR B 102 -3.75 -1.68 -19.27
CA THR B 102 -4.03 -1.37 -20.67
C THR B 102 -4.96 -0.17 -20.82
N GLU B 103 -5.21 0.55 -19.72
CA GLU B 103 -6.10 1.71 -19.73
C GLU B 103 -5.39 2.95 -20.25
N ASP B 104 -6.14 3.81 -20.94
CA ASP B 104 -5.56 5.05 -21.43
C ASP B 104 -5.48 6.12 -20.35
N HIS B 105 -6.44 6.12 -19.43
CA HIS B 105 -6.57 7.20 -18.47
C HIS B 105 -7.12 6.70 -17.15
N LEU B 106 -6.28 6.76 -16.12
CA LEU B 106 -6.70 6.47 -14.76
C LEU B 106 -6.79 7.79 -14.02
N VAL B 107 -7.89 7.99 -13.29
CA VAL B 107 -7.96 9.09 -12.33
C VAL B 107 -8.14 8.49 -10.94
N ILE B 108 -7.26 8.85 -10.01
CA ILE B 108 -7.34 8.27 -8.68
C ILE B 108 -7.78 9.33 -7.70
N ALA B 109 -8.95 9.11 -7.10
CA ALA B 109 -9.53 10.05 -6.15
C ALA B 109 -9.16 9.64 -4.74
N CYS B 110 -8.27 10.42 -4.10
CA CYS B 110 -7.80 10.11 -2.76
C CYS B 110 -8.66 10.76 -1.68
N GLY B 111 -9.27 9.94 -0.86
CA GLY B 111 -10.08 10.43 0.25
C GLY B 111 -9.28 10.58 1.52
N ARG B 112 -9.80 11.44 2.40
CA ARG B 112 -9.26 11.66 3.72
C ARG B 112 -10.45 11.69 4.66
N TYR B 113 -10.23 12.02 5.92
CA TYR B 113 -11.29 12.03 6.94
C TYR B 113 -11.97 10.66 6.95
N GLU B 114 -13.29 10.63 7.02
CA GLU B 114 -13.99 9.35 7.05
C GLU B 114 -14.51 8.90 5.69
N GLY B 115 -13.99 9.50 4.62
CA GLY B 115 -14.34 9.07 3.28
C GLY B 115 -15.05 10.13 2.47
N ILE B 116 -15.43 9.77 1.25
CA ILE B 116 -16.05 10.69 0.29
C ILE B 116 -17.55 10.41 0.21
N ASP B 117 -18.37 11.47 0.22
CA ASP B 117 -19.80 11.33 -0.04
C ASP B 117 -20.08 10.36 -1.19
N GLN B 118 -20.93 9.36 -0.93
CA GLN B 118 -21.15 8.30 -1.91
C GLN B 118 -21.68 8.80 -3.23
N ARG B 119 -22.33 9.96 -3.25
CA ARG B 119 -22.89 10.45 -4.50
C ARG B 119 -21.83 10.84 -5.52
N VAL B 120 -20.59 11.07 -5.08
CA VAL B 120 -19.51 11.37 -6.03
C VAL B 120 -19.30 10.19 -6.97
N ALA B 121 -19.08 9.01 -6.40
CA ALA B 121 -18.93 7.81 -7.21
C ALA B 121 -20.20 7.50 -8.00
N ASP B 122 -21.36 7.69 -7.39
CA ASP B 122 -22.62 7.37 -8.07
C ASP B 122 -22.84 8.29 -9.28
N ASP B 123 -22.60 9.58 -9.10
CA ASP B 123 -22.69 10.54 -10.20
C ASP B 123 -21.67 10.24 -11.31
N ALA B 124 -20.43 9.97 -10.92
CA ALA B 124 -19.40 9.68 -11.92
C ALA B 124 -19.76 8.44 -12.74
N ALA B 125 -20.38 7.45 -12.10
CA ALA B 125 -20.71 6.20 -12.79
C ALA B 125 -21.77 6.36 -13.87
N THR B 126 -22.51 7.47 -13.86
CA THR B 126 -23.45 7.74 -14.95
C THR B 126 -22.74 8.20 -16.22
N ARG B 127 -21.44 8.50 -16.13
CA ARG B 127 -20.69 9.03 -17.27
CA ARG B 127 -20.77 8.90 -17.37
C ARG B 127 -19.44 8.23 -17.61
N MET B 128 -18.91 7.52 -16.61
CA MET B 128 -17.68 6.78 -16.79
C MET B 128 -17.67 5.53 -15.93
N ARG B 129 -16.67 4.67 -16.15
CA ARG B 129 -16.45 3.50 -15.30
C ARG B 129 -15.78 3.90 -14.00
N VAL B 130 -16.30 3.36 -12.90
CA VAL B 130 -15.82 3.71 -11.56
C VAL B 130 -15.48 2.44 -10.82
N ARG B 131 -14.34 2.44 -10.12
CA ARG B 131 -13.90 1.27 -9.37
C ARG B 131 -13.47 1.69 -7.97
N GLU B 132 -14.26 1.33 -6.96
CA GLU B 132 -13.87 1.53 -5.57
C GLU B 132 -13.10 0.31 -5.14
N VAL B 133 -11.86 0.49 -4.70
CA VAL B 133 -11.00 -0.66 -4.42
C VAL B 133 -10.24 -0.54 -3.12
N SER B 134 -10.07 -1.70 -2.47
CA SER B 134 -9.23 -1.82 -1.28
CA SER B 134 -9.21 -1.77 -1.29
C SER B 134 -7.92 -2.48 -1.64
N ILE B 135 -6.80 -1.97 -1.15
CA ILE B 135 -5.53 -2.62 -1.47
C ILE B 135 -5.13 -3.67 -0.44
N GLY B 136 -5.95 -3.87 0.59
CA GLY B 136 -5.66 -4.90 1.57
C GLY B 136 -6.51 -4.74 2.83
N ASP B 137 -6.34 -5.64 3.78
CA ASP B 137 -7.22 -5.67 4.94
C ASP B 137 -6.70 -4.84 6.11
N TYR B 138 -6.65 -3.53 5.90
CA TYR B 138 -6.15 -2.60 6.92
C TYR B 138 -6.69 -1.22 6.56
N VAL B 139 -6.63 -0.31 7.53
CA VAL B 139 -7.15 1.04 7.35
C VAL B 139 -5.98 2.03 7.35
N LEU B 140 -6.07 3.01 6.46
CA LEU B 140 -5.11 4.11 6.40
C LEU B 140 -5.81 5.41 6.79
N ASN B 141 -5.06 6.49 6.96
CA ASN B 141 -5.69 7.79 7.19
C ASN B 141 -6.22 8.40 5.89
N GLY B 142 -5.60 8.03 4.78
CA GLY B 142 -5.98 8.60 3.50
C GLY B 142 -5.67 7.66 2.35
N GLY B 143 -6.21 7.96 1.18
CA GLY B 143 -6.02 7.11 0.01
C GLY B 143 -4.69 7.28 -0.69
N GLU B 144 -3.88 8.25 -0.26
CA GLU B 144 -2.65 8.60 -0.97
C GLU B 144 -1.64 7.46 -1.07
N ALA B 145 -1.40 6.76 0.03
CA ALA B 145 -0.43 5.66 0.00
C ALA B 145 -0.97 4.51 -0.85
N ALA B 146 -2.27 4.31 -0.82
CA ALA B 146 -2.90 3.31 -1.66
C ALA B 146 -2.76 3.68 -3.14
N ALA B 147 -2.88 4.97 -3.45
CA ALA B 147 -2.67 5.42 -4.81
C ALA B 147 -1.25 5.09 -5.28
N LEU B 148 -0.26 5.25 -4.42
CA LEU B 148 1.12 4.94 -4.80
C LEU B 148 1.27 3.45 -5.08
N VAL B 149 0.69 2.61 -4.25
CA VAL B 149 0.73 1.16 -4.45
C VAL B 149 0.09 0.78 -5.79
N ILE B 150 -1.09 1.34 -6.06
CA ILE B 150 -1.79 1.02 -7.30
C ILE B 150 -0.98 1.46 -8.52
N ILE B 151 -0.43 2.68 -8.47
CA ILE B 151 0.37 3.17 -9.58
C ILE B 151 1.58 2.26 -9.82
N GLU B 152 2.26 1.86 -8.76
CA GLU B 152 3.42 1.00 -8.96
C GLU B 152 3.02 -0.37 -9.51
N ALA B 153 1.94 -0.94 -9.01
CA ALA B 153 1.54 -2.30 -9.41
C ALA B 153 1.10 -2.31 -10.87
N VAL B 154 0.48 -1.22 -11.31
CA VAL B 154 0.00 -1.10 -12.69
C VAL B 154 1.14 -0.73 -13.65
N LEU B 155 1.95 0.26 -13.30
CA LEU B 155 2.94 0.76 -14.25
C LEU B 155 3.99 -0.28 -14.60
N ARG B 156 4.33 -1.18 -13.69
CA ARG B 156 5.36 -2.16 -13.99
C ARG B 156 4.86 -3.20 -15.00
N LEU B 157 3.58 -3.16 -15.33
CA LEU B 157 2.98 -4.12 -16.26
C LEU B 157 2.71 -3.52 -17.63
N VAL B 158 2.82 -2.20 -17.76
CA VAL B 158 2.53 -1.53 -19.03
C VAL B 158 3.52 -1.98 -20.10
N PRO B 159 3.01 -2.26 -21.31
CA PRO B 159 3.87 -2.69 -22.42
C PRO B 159 4.95 -1.65 -22.67
N GLY B 160 6.21 -2.07 -22.61
CA GLY B 160 7.31 -1.15 -22.82
C GLY B 160 8.05 -0.80 -21.55
N VAL B 161 7.40 -0.99 -20.41
CA VAL B 161 8.07 -0.74 -19.13
C VAL B 161 9.00 -1.93 -18.83
N LEU B 162 8.59 -3.11 -19.25
CA LEU B 162 9.44 -4.30 -19.21
C LEU B 162 8.87 -5.39 -20.11
N SER B 179 -1.67 -16.93 -7.48
CA SER B 179 -1.13 -18.22 -7.88
C SER B 179 -0.36 -18.86 -6.74
N LEU B 180 0.97 -18.71 -6.78
CA LEU B 180 1.84 -19.27 -5.74
C LEU B 180 2.87 -18.23 -5.27
N LEU B 181 3.47 -18.47 -4.12
CA LEU B 181 4.52 -17.58 -3.62
C LEU B 181 5.87 -18.01 -4.14
N GLU B 182 6.72 -17.03 -4.45
CA GLU B 182 8.09 -17.35 -4.80
C GLU B 182 8.84 -17.79 -3.54
N GLY B 183 9.68 -18.79 -3.69
CA GLY B 183 10.48 -19.26 -2.58
C GLY B 183 11.70 -18.38 -2.38
N PRO B 184 12.61 -18.82 -1.51
CA PRO B 184 13.81 -18.05 -1.18
C PRO B 184 14.75 -17.92 -2.38
N SER B 185 15.48 -16.80 -2.39
CA SER B 185 16.47 -16.51 -3.43
CA SER B 185 16.48 -16.57 -3.43
C SER B 185 17.82 -16.27 -2.78
N TYR B 186 18.89 -16.54 -3.53
CA TYR B 186 20.26 -16.43 -3.00
C TYR B 186 21.20 -15.85 -4.03
N THR B 187 22.28 -15.24 -3.57
CA THR B 187 23.33 -14.80 -4.46
C THR B 187 24.68 -14.91 -3.74
N ARG B 188 25.75 -14.45 -4.37
CA ARG B 188 27.09 -14.67 -3.83
C ARG B 188 27.32 -13.91 -2.51
N PRO B 189 28.17 -14.45 -1.60
CA PRO B 189 29.00 -15.66 -1.72
C PRO B 189 28.26 -16.94 -1.36
N PRO B 190 28.78 -18.11 -1.77
CA PRO B 190 28.07 -19.37 -1.53
C PRO B 190 27.97 -19.77 -0.06
N SER B 191 28.89 -19.24 0.76
CA SER B 191 28.80 -19.40 2.20
CA SER B 191 28.83 -19.41 2.20
C SER B 191 28.97 -18.05 2.87
N TRP B 192 28.09 -17.74 3.82
CA TRP B 192 28.11 -16.44 4.50
C TRP B 192 27.68 -16.61 5.95
N ARG B 193 28.53 -16.18 6.88
CA ARG B 193 28.31 -16.33 8.31
C ARG B 193 27.99 -17.77 8.69
N GLY B 194 28.56 -18.71 7.95
CA GLY B 194 28.33 -20.13 8.23
C GLY B 194 27.03 -20.67 7.68
N MET B 195 26.38 -19.87 6.84
CA MET B 195 25.13 -20.26 6.18
C MET B 195 25.38 -20.49 4.69
N ASP B 196 25.09 -21.69 4.23
CA ASP B 196 25.37 -22.07 2.85
C ASP B 196 24.15 -21.91 1.96
N VAL B 197 24.38 -21.43 0.74
CA VAL B 197 23.37 -21.52 -0.29
C VAL B 197 23.06 -23.00 -0.53
N PRO B 198 21.76 -23.35 -0.64
CA PRO B 198 21.35 -24.72 -0.94
C PRO B 198 22.17 -25.30 -2.09
N PRO B 199 22.83 -26.45 -1.86
CA PRO B 199 23.77 -27.02 -2.82
C PRO B 199 23.17 -27.24 -4.22
N VAL B 200 21.89 -27.58 -4.29
CA VAL B 200 21.26 -27.83 -5.58
C VAL B 200 21.39 -26.59 -6.49
N LEU B 201 21.34 -25.40 -5.90
CA LEU B 201 21.41 -24.17 -6.67
C LEU B 201 22.79 -23.93 -7.27
N LEU B 202 23.78 -24.63 -6.74
CA LEU B 202 25.16 -24.52 -7.23
C LEU B 202 25.51 -25.67 -8.17
N SER B 203 24.55 -26.56 -8.42
CA SER B 203 24.82 -27.84 -9.07
C SER B 203 24.76 -27.79 -10.60
N GLY B 204 24.17 -26.73 -11.15
CA GLY B 204 24.03 -26.59 -12.59
C GLY B 204 23.00 -27.52 -13.22
N ASP B 205 22.25 -28.23 -12.40
CA ASP B 205 21.23 -29.15 -12.92
C ASP B 205 19.88 -28.44 -12.98
N HIS B 206 19.51 -27.98 -14.17
CA HIS B 206 18.31 -27.17 -14.36
C HIS B 206 17.04 -27.88 -13.90
N ALA B 207 16.93 -29.18 -14.19
CA ALA B 207 15.77 -29.95 -13.78
C ALA B 207 15.65 -30.04 -12.26
N LYS B 208 16.77 -30.29 -11.59
CA LYS B 208 16.78 -30.40 -10.14
C LYS B 208 16.52 -29.03 -9.48
N ILE B 209 17.06 -27.97 -10.07
CA ILE B 209 16.85 -26.63 -9.56
C ILE B 209 15.38 -26.23 -9.72
N ALA B 210 14.81 -26.48 -10.89
CA ALA B 210 13.41 -26.20 -11.16
C ALA B 210 12.52 -26.91 -10.15
N ALA B 211 12.83 -28.18 -9.90
CA ALA B 211 12.03 -28.99 -8.99
C ALA B 211 12.16 -28.48 -7.55
N TRP B 212 13.38 -28.16 -7.15
CA TRP B 212 13.62 -27.64 -5.82
C TRP B 212 12.88 -26.30 -5.62
N ARG B 213 12.96 -25.43 -6.63
CA ARG B 213 12.28 -24.14 -6.54
C ARG B 213 10.76 -24.27 -6.51
N ALA B 214 10.22 -25.20 -7.30
CA ALA B 214 8.78 -25.42 -7.30
C ALA B 214 8.32 -25.91 -5.94
N GLU B 215 9.12 -26.80 -5.36
CA GLU B 215 8.82 -27.35 -4.04
C GLU B 215 8.92 -26.29 -2.96
N GLN B 216 9.96 -25.47 -3.02
CA GLN B 216 10.10 -24.39 -2.05
C GLN B 216 8.92 -23.42 -2.14
N SER B 217 8.48 -23.13 -3.36
CA SER B 217 7.35 -22.25 -3.58
C SER B 217 6.07 -22.81 -2.95
N ARG B 218 5.82 -24.10 -3.19
CA ARG B 218 4.61 -24.71 -2.65
C ARG B 218 4.71 -24.83 -1.12
N GLN B 219 5.88 -25.12 -0.60
CA GLN B 219 6.11 -25.17 0.86
C GLN B 219 5.89 -23.81 1.55
N ARG B 220 6.42 -22.74 0.96
CA ARG B 220 6.25 -21.42 1.54
C ARG B 220 4.78 -21.02 1.49
N THR B 221 4.10 -21.42 0.44
CA THR B 221 2.72 -21.03 0.24
C THR B 221 1.83 -21.68 1.30
N ILE B 222 2.05 -22.97 1.58
CA ILE B 222 1.20 -23.62 2.55
C ILE B 222 1.44 -23.02 3.95
N GLU B 223 2.68 -22.61 4.23
CA GLU B 223 3.01 -22.03 5.53
C GLU B 223 2.47 -20.61 5.71
N ARG B 224 2.67 -19.76 4.70
CA ARG B 224 2.36 -18.32 4.83
C ARG B 224 1.02 -17.92 4.26
N ARG B 225 0.57 -18.66 3.23
CA ARG B 225 -0.66 -18.31 2.53
C ARG B 225 -1.48 -19.53 2.16
N PRO B 226 -1.92 -20.31 3.16
CA PRO B 226 -2.63 -21.56 2.85
C PRO B 226 -3.91 -21.30 2.04
N ASP B 227 -4.47 -20.10 2.14
CA ASP B 227 -5.65 -19.74 1.37
C ASP B 227 -5.43 -19.87 -0.14
N LEU B 228 -4.20 -19.62 -0.60
CA LEU B 228 -3.91 -19.66 -2.04
C LEU B 228 -4.00 -21.07 -2.58
N LEU B 229 -3.87 -22.05 -1.69
CA LEU B 229 -3.99 -23.46 -2.10
C LEU B 229 -5.31 -24.08 -1.68
N GLY B 230 -6.25 -23.23 -1.25
CA GLY B 230 -7.57 -23.70 -0.89
C GLY B 230 -7.66 -24.32 0.50
N PHE B 231 -6.83 -23.83 1.43
CA PHE B 231 -6.91 -24.28 2.82
C PHE B 231 -7.33 -23.17 3.76
N ASP B 232 -7.75 -23.55 4.96
CA ASP B 232 -8.26 -22.63 5.96
C ASP B 232 -7.22 -21.62 6.43
N SER B 233 -7.72 -20.54 7.03
CA SER B 233 -6.91 -19.42 7.55
C SER B 233 -6.11 -18.77 6.44
C01 J9T C . 8.84 -5.71 -3.57
O02 J9T C . 7.83 -5.68 -2.59
C03 J9T C . 6.60 -6.09 -3.05
O04 J9T C . 6.43 -6.34 -4.22
C05 J9T C . 5.51 -6.25 -2.05
C06 J9T C . 5.75 -6.01 -0.69
C07 J9T C . 4.73 -6.20 0.23
N08 J9T C . 3.52 -6.59 -0.21
C09 J9T C . 3.30 -6.80 -1.50
N10 J9T C . 2.02 -7.21 -1.90
C11 J9T C . 4.27 -6.65 -2.47
S SO4 D . 14.51 -14.15 19.20
O1 SO4 D . 13.06 -14.34 18.99
O2 SO4 D . 14.74 -12.72 19.23
O3 SO4 D . 15.34 -14.80 18.17
O4 SO4 D . 14.86 -14.69 20.52
C01 J9T E . -8.47 6.02 3.20
O02 J9T E . -8.08 4.95 2.37
C03 J9T E . -7.82 3.77 3.04
O04 J9T E . -7.85 3.70 4.26
C05 J9T E . -7.59 2.56 2.20
C06 J9T E . -7.64 2.68 0.81
C07 J9T E . -7.47 1.54 0.03
N08 J9T E . -7.24 0.35 0.62
C09 J9T E . -7.18 0.25 1.96
N10 J9T E . -6.95 -1.01 2.52
C11 J9T E . -7.36 1.34 2.80
S SO4 F . -18.65 -0.81 -15.87
O1 SO4 F . -19.50 -0.02 -16.76
O2 SO4 F . -18.11 0.06 -14.83
O3 SO4 F . -17.55 -1.40 -16.63
O4 SO4 F . -19.45 -1.86 -15.24
#